data_5IF5
#
_entry.id   5IF5
#
_cell.length_a   68.430
_cell.length_b   68.430
_cell.length_c   395.680
_cell.angle_alpha   90.00
_cell.angle_beta   90.00
_cell.angle_gamma   120.00
#
_symmetry.space_group_name_H-M   'P 65 2 2'
#
loop_
_entity.id
_entity.type
_entity.pdbx_description
1 polymer 'Polymerase acidic protein'
2 non-polymer 'DIMETHYL SULFOXIDE'
3 non-polymer 1,2-ETHANEDIOL
4 non-polymer (2,3-dichlorophenyl)methanol
5 water water
#
_entity_poly.entity_id   1
_entity_poly.type   'polypeptide(L)'
_entity_poly.pdbx_seq_one_letter_code
;GNARIEPFLKSTPRPLRLPDGPPCSQRSKFLLMDALKLSIEDPSHEGEGIPLYDAIKCMRTFFGWKEPNVVKPHEKGINP
NYLLSWKQVLAELQDIENEEKIPRTKNMKKTSQLKWALGENMAPEKVDFDDCKDVGDLKQYDSDEPELRSLASWIQNEFN
KACELTDSSWIELDEIGEDAAPIEHIASMRRNYFTAEVSHCRATEYIMKGVYINTALLNASCAAMDDFQLIPMISKCRTK
EGRRKTNLYGFIIKGRSHLRNDTDVVNFVSMEFSLTDPRLEPHKWEKYCVLEVGDMLLRSAIGHVSRPMFLYVRTNGTSK
IKMKWGMEMRRCLLQSLQQIESMIEAESSVKEKDMTKEFFENKSETWPVGESPKGVEEGSIGKVCRTLLAKSVFNSLYAS
PQLEGFSAESRKLLLIVQALRDNLEPGTFDLGGLYEAIEECLINDPWVLLNASWFNSFLTHALR
;
_entity_poly.pdbx_strand_id   A
#
# COMPACT_ATOMS: atom_id res chain seq x y z
N PRO A 13 23.99 -4.09 26.44
CA PRO A 13 22.92 -4.04 25.44
C PRO A 13 23.44 -3.67 24.04
N ARG A 14 23.60 -4.69 23.21
CA ARG A 14 24.16 -4.60 21.87
C ARG A 14 23.06 -4.32 20.85
N PRO A 15 23.43 -4.03 19.60
CA PRO A 15 22.41 -3.91 18.55
C PRO A 15 21.88 -5.27 18.12
N LEU A 16 20.69 -5.24 17.53
CA LEU A 16 20.11 -6.44 16.97
C LEU A 16 20.95 -6.92 15.79
N ARG A 17 21.16 -8.24 15.72
CA ARG A 17 21.83 -8.85 14.58
C ARG A 17 20.82 -9.00 13.45
N LEU A 18 21.01 -8.26 12.37
CA LEU A 18 20.16 -8.43 11.21
C LEU A 18 20.71 -9.53 10.31
N PRO A 19 19.84 -10.19 9.53
CA PRO A 19 20.28 -11.37 8.78
C PRO A 19 21.09 -11.01 7.54
N ASP A 20 22.06 -11.89 7.24
CA ASP A 20 22.80 -11.84 6.00
C ASP A 20 22.08 -12.66 4.94
N GLY A 21 22.29 -12.26 3.68
CA GLY A 21 21.70 -12.98 2.57
C GLY A 21 21.36 -12.09 1.41
N PRO A 22 20.73 -12.65 0.38
CA PRO A 22 20.28 -11.83 -0.73
C PRO A 22 19.30 -10.77 -0.26
N PRO A 23 19.19 -9.66 -0.98
CA PRO A 23 18.28 -8.58 -0.54
C PRO A 23 16.83 -9.02 -0.49
N CYS A 24 16.09 -8.47 0.45
CA CYS A 24 14.66 -8.75 0.56
C CYS A 24 13.91 -8.22 -0.66
N SER A 25 12.75 -8.79 -0.91
CA SER A 25 11.99 -8.49 -2.12
C SER A 25 10.61 -7.97 -1.75
N GLN A 26 10.00 -7.28 -2.70
CA GLN A 26 8.66 -6.74 -2.51
C GLN A 26 7.66 -7.86 -2.27
N ARG A 27 6.77 -7.67 -1.27
CA ARG A 27 5.73 -8.66 -1.00
C ARG A 27 4.39 -8.01 -0.70
N SER A 28 4.21 -6.74 -0.99
CA SER A 28 2.90 -6.14 -0.81
C SER A 28 1.90 -6.74 -1.80
N LYS A 29 0.62 -6.52 -1.52
CA LYS A 29 -0.44 -7.09 -2.34
C LYS A 29 -0.62 -6.31 -3.64
N PHE A 30 -0.18 -5.05 -3.66
CA PHE A 30 -0.21 -4.24 -4.87
C PHE A 30 1.01 -3.33 -4.84
N LEU A 31 1.35 -2.78 -6.00
CA LEU A 31 2.46 -1.84 -6.07
C LEU A 31 2.17 -0.62 -5.22
N LEU A 32 3.24 -0.02 -4.68
CA LEU A 32 3.14 1.17 -3.84
C LEU A 32 3.80 2.32 -4.58
N MET A 33 5.06 2.67 -4.30
CA MET A 33 5.68 3.83 -4.95
C MET A 33 5.80 3.65 -6.46
N ASP A 34 5.82 2.41 -6.95
CA ASP A 34 6.02 2.13 -8.38
C ASP A 34 4.73 2.11 -9.19
N ALA A 35 3.57 2.27 -8.54
CA ALA A 35 2.33 2.25 -9.30
C ALA A 35 2.29 3.40 -10.32
N LEU A 36 1.47 3.20 -11.34
CA LEU A 36 1.16 4.18 -12.37
C LEU A 36 -0.34 4.17 -12.63
N LYS A 37 -0.95 5.34 -12.73
CA LYS A 37 -2.39 5.45 -12.97
C LYS A 37 -2.67 5.97 -14.37
N LEU A 38 -3.64 5.34 -15.04
CA LEU A 38 -4.34 5.96 -16.17
C LEU A 38 -5.65 6.57 -15.64
N SER A 39 -5.91 7.83 -15.98
CA SER A 39 -6.94 8.61 -15.27
C SER A 39 -7.90 9.30 -16.23
N ILE A 40 -9.13 9.46 -15.77
CA ILE A 40 -10.16 10.27 -16.43
C ILE A 40 -10.69 11.28 -15.41
N GLU A 41 -11.10 12.44 -15.92
CA GLU A 41 -11.87 13.38 -15.12
C GLU A 41 -13.32 12.94 -15.14
N ASP A 42 -13.92 12.81 -13.95
CA ASP A 42 -15.27 12.27 -13.87
C ASP A 42 -16.31 13.29 -14.32
N PRO A 43 -17.47 12.83 -14.78
CA PRO A 43 -18.65 13.70 -14.97
C PRO A 43 -19.23 14.18 -13.64
N GLY A 49 -19.70 4.99 -12.30
CA GLY A 49 -19.62 4.22 -11.08
C GLY A 49 -19.52 2.71 -11.30
N ILE A 50 -19.44 2.29 -12.55
CA ILE A 50 -19.30 0.88 -12.92
C ILE A 50 -17.83 0.60 -13.16
N PRO A 51 -17.18 -0.23 -12.35
CA PRO A 51 -15.71 -0.42 -12.47
C PRO A 51 -15.26 -0.77 -13.87
N LEU A 52 -15.91 -1.75 -14.51
CA LEU A 52 -15.45 -2.16 -15.82
C LEU A 52 -15.55 -1.02 -16.83
N TYR A 53 -16.63 -0.25 -16.75
CA TYR A 53 -16.79 0.90 -17.66
C TYR A 53 -15.72 1.95 -17.41
N ASP A 54 -15.47 2.29 -16.13
CA ASP A 54 -14.41 3.22 -15.81
C ASP A 54 -13.07 2.71 -16.30
N ALA A 55 -12.82 1.41 -16.11
CA ALA A 55 -11.55 0.84 -16.53
C ALA A 55 -11.35 1.01 -18.04
N ILE A 56 -12.38 0.74 -18.82
CA ILE A 56 -12.25 0.85 -20.27
C ILE A 56 -12.01 2.30 -20.67
N LYS A 57 -12.76 3.24 -20.06
CA LYS A 57 -12.53 4.66 -20.38
C LYS A 57 -11.12 5.09 -20.00
N CYS A 58 -10.59 4.62 -18.87
CA CYS A 58 -9.19 4.92 -18.56
C CYS A 58 -8.25 4.32 -19.59
N MET A 59 -8.48 3.06 -19.96
CA MET A 59 -7.70 2.42 -21.02
C MET A 59 -7.69 3.25 -22.30
N ARG A 60 -8.86 3.77 -22.69
CA ARG A 60 -8.98 4.53 -23.93
C ARG A 60 -8.14 5.81 -23.95
N THR A 61 -7.79 6.37 -22.78
CA THR A 61 -7.02 7.62 -22.79
C THR A 61 -5.58 7.43 -23.23
N PHE A 62 -5.10 6.20 -23.35
CA PHE A 62 -3.70 5.93 -23.62
C PHE A 62 -3.56 5.34 -25.02
N PHE A 63 -2.63 5.89 -25.80
CA PHE A 63 -2.44 5.47 -27.20
C PHE A 63 -1.06 4.89 -27.46
N GLY A 64 -0.25 4.69 -26.42
CA GLY A 64 1.09 4.18 -26.61
C GLY A 64 1.26 2.68 -26.41
N TRP A 65 0.17 1.91 -26.43
CA TRP A 65 0.29 0.47 -26.33
C TRP A 65 1.11 -0.08 -27.49
N LYS A 66 1.85 -1.16 -27.22
CA LYS A 66 2.58 -1.87 -28.26
C LYS A 66 2.64 -3.35 -27.88
N GLU A 67 3.07 -4.16 -28.82
CA GLU A 67 3.15 -5.61 -28.62
C GLU A 67 3.98 -5.93 -27.39
N PRO A 68 3.45 -6.65 -26.41
CA PRO A 68 4.16 -6.83 -25.15
C PRO A 68 5.21 -7.91 -25.21
N ASN A 69 6.25 -7.75 -24.40
CA ASN A 69 7.30 -8.74 -24.25
CA ASN A 69 7.28 -8.76 -24.24
C ASN A 69 7.82 -8.72 -22.82
N VAL A 70 8.41 -9.84 -22.40
CA VAL A 70 9.04 -9.94 -21.09
C VAL A 70 10.34 -9.14 -21.09
N VAL A 71 10.52 -8.28 -20.08
CA VAL A 71 11.80 -7.62 -19.85
C VAL A 71 12.46 -8.04 -18.54
N LYS A 72 11.73 -8.64 -17.61
CA LYS A 72 12.31 -9.15 -16.37
C LYS A 72 11.56 -10.43 -16.05
N PRO A 73 12.11 -11.59 -16.40
CA PRO A 73 11.38 -12.85 -16.23
C PRO A 73 11.27 -13.23 -14.76
N HIS A 74 10.13 -13.84 -14.43
CA HIS A 74 9.96 -14.51 -13.15
C HIS A 74 10.82 -15.78 -13.14
N GLU A 75 11.71 -15.89 -12.18
CA GLU A 75 12.72 -16.94 -12.24
C GLU A 75 12.16 -18.30 -11.92
N LYS A 76 11.00 -18.39 -11.26
CA LYS A 76 10.39 -19.66 -10.94
C LYS A 76 9.07 -19.92 -11.68
N GLY A 77 8.40 -18.88 -12.18
CA GLY A 77 7.13 -19.03 -12.85
C GLY A 77 7.27 -19.37 -14.34
N ILE A 78 6.11 -19.55 -14.98
CA ILE A 78 6.04 -19.83 -16.41
C ILE A 78 5.74 -18.50 -17.11
N ASN A 79 6.82 -17.82 -17.55
CA ASN A 79 6.70 -16.50 -18.13
C ASN A 79 5.81 -16.42 -19.38
N PRO A 80 5.79 -17.40 -20.30
CA PRO A 80 4.83 -17.32 -21.41
C PRO A 80 3.38 -17.19 -20.95
N ASN A 81 3.01 -17.83 -19.84
CA ASN A 81 1.65 -17.74 -19.35
C ASN A 81 1.31 -16.35 -18.83
N TYR A 82 2.27 -15.69 -18.17
CA TYR A 82 2.04 -14.32 -17.75
C TYR A 82 1.79 -13.42 -18.97
N LEU A 83 2.63 -13.55 -19.99
CA LEU A 83 2.43 -12.82 -21.25
C LEU A 83 1.07 -13.14 -21.85
N LEU A 84 0.74 -14.43 -21.98
CA LEU A 84 -0.54 -14.82 -22.52
C LEU A 84 -1.68 -14.19 -21.73
N SER A 85 -1.55 -14.11 -20.41
CA SER A 85 -2.64 -13.62 -19.58
C SER A 85 -2.93 -12.15 -19.87
N TRP A 86 -1.88 -11.34 -20.01
CA TRP A 86 -2.05 -9.92 -20.31
C TRP A 86 -2.67 -9.73 -21.69
N LYS A 87 -2.15 -10.45 -22.69
CA LYS A 87 -2.74 -10.38 -24.02
C LYS A 87 -4.20 -10.83 -23.99
N GLN A 88 -4.55 -11.77 -23.12
CA GLN A 88 -5.95 -12.18 -22.99
C GLN A 88 -6.81 -11.04 -22.42
N VAL A 89 -6.27 -10.28 -21.47
CA VAL A 89 -7.01 -9.14 -20.92
C VAL A 89 -7.32 -8.12 -22.02
N LEU A 90 -6.30 -7.72 -22.78
CA LEU A 90 -6.52 -6.80 -23.90
C LEU A 90 -7.54 -7.36 -24.89
N ALA A 91 -7.40 -8.64 -25.25
CA ALA A 91 -8.30 -9.21 -26.24
C ALA A 91 -9.74 -9.24 -25.72
N GLU A 92 -9.93 -9.52 -24.43
CA GLU A 92 -11.29 -9.61 -23.93
C GLU A 92 -11.89 -8.25 -23.68
N LEU A 93 -11.06 -7.24 -23.42
CA LEU A 93 -11.58 -5.88 -23.37
C LEU A 93 -11.91 -5.39 -24.77
N GLN A 94 -11.13 -5.82 -25.76
CA GLN A 94 -11.48 -5.54 -27.14
C GLN A 94 -12.83 -6.16 -27.49
N ASP A 95 -13.12 -7.36 -26.97
CA ASP A 95 -14.44 -7.95 -27.19
C ASP A 95 -15.53 -7.07 -26.61
N ILE A 96 -15.34 -6.62 -25.36
CA ILE A 96 -16.35 -5.79 -24.71
C ILE A 96 -16.60 -4.53 -25.53
N GLU A 97 -15.55 -3.96 -26.12
CA GLU A 97 -15.68 -2.78 -26.96
C GLU A 97 -16.71 -2.99 -28.07
N ASN A 98 -16.78 -4.20 -28.62
CA ASN A 98 -17.64 -4.43 -29.77
C ASN A 98 -19.08 -4.75 -29.40
N GLU A 99 -19.33 -5.39 -28.25
CA GLU A 99 -20.70 -5.56 -27.80
C GLU A 99 -21.35 -4.19 -27.58
N GLU A 100 -22.66 -4.13 -27.82
CA GLU A 100 -23.35 -2.84 -27.80
C GLU A 100 -23.30 -2.20 -26.42
N LYS A 101 -23.69 -2.95 -25.39
CA LYS A 101 -23.65 -2.46 -24.02
C LYS A 101 -22.43 -3.06 -23.32
N ILE A 102 -21.62 -2.19 -22.71
CA ILE A 102 -20.56 -2.65 -21.82
C ILE A 102 -21.21 -3.40 -20.67
N PRO A 103 -20.88 -4.67 -20.44
CA PRO A 103 -21.49 -5.40 -19.34
C PRO A 103 -21.02 -4.85 -18.01
N ARG A 104 -21.77 -5.20 -16.97
CA ARG A 104 -21.37 -4.82 -15.61
C ARG A 104 -20.04 -5.46 -15.25
N THR A 105 -19.87 -6.73 -15.59
CA THR A 105 -18.67 -7.46 -15.20
C THR A 105 -18.19 -8.31 -16.37
N LYS A 106 -16.92 -8.69 -16.32
CA LYS A 106 -16.31 -9.54 -17.34
C LYS A 106 -15.67 -10.72 -16.65
N ASN A 107 -16.11 -11.92 -17.02
CA ASN A 107 -15.51 -13.16 -16.55
C ASN A 107 -14.62 -13.70 -17.66
N MET A 108 -13.35 -13.92 -17.34
CA MET A 108 -12.36 -14.34 -18.33
C MET A 108 -12.61 -15.77 -18.75
N LYS A 109 -12.30 -16.04 -20.02
CA LYS A 109 -12.20 -17.42 -20.48
C LYS A 109 -11.21 -18.18 -19.62
N LYS A 110 -11.57 -19.42 -19.27
CA LYS A 110 -10.74 -20.24 -18.39
C LYS A 110 -9.71 -20.97 -19.25
N THR A 111 -8.78 -20.18 -19.77
CA THR A 111 -7.69 -20.62 -20.64
C THR A 111 -6.62 -21.36 -19.84
N SER A 112 -5.78 -22.09 -20.58
CA SER A 112 -4.65 -22.77 -19.95
CA SER A 112 -4.64 -22.78 -19.97
C SER A 112 -3.75 -21.80 -19.20
N GLN A 113 -3.43 -20.65 -19.82
CA GLN A 113 -2.53 -19.71 -19.11
C GLN A 113 -3.12 -19.28 -17.78
N LEU A 114 -4.42 -18.99 -17.75
CA LEU A 114 -5.01 -18.53 -16.50
C LEU A 114 -5.16 -19.66 -15.50
N LYS A 115 -5.50 -20.86 -15.98
CA LYS A 115 -5.58 -22.00 -15.07
C LYS A 115 -4.25 -22.26 -14.40
N TRP A 116 -3.14 -22.09 -15.14
CA TRP A 116 -1.84 -22.20 -14.49
C TRP A 116 -1.61 -21.07 -13.51
N ALA A 117 -1.79 -19.82 -13.96
CA ALA A 117 -1.43 -18.70 -13.11
C ALA A 117 -2.24 -18.66 -11.83
N LEU A 118 -3.44 -19.23 -11.82
CA LEU A 118 -4.35 -19.21 -10.68
C LEU A 118 -4.31 -20.50 -9.87
N GLY A 119 -3.35 -21.38 -10.14
CA GLY A 119 -3.19 -22.56 -9.32
C GLY A 119 -4.27 -23.59 -9.46
N GLU A 120 -5.02 -23.59 -10.56
CA GLU A 120 -6.05 -24.61 -10.79
C GLU A 120 -5.60 -25.75 -11.71
N GLU A 147 13.94 -19.00 4.35
CA GLU A 147 15.14 -18.48 3.69
C GLU A 147 15.46 -17.04 4.12
N LEU A 148 16.70 -16.80 4.53
CA LEU A 148 17.09 -15.50 5.06
C LEU A 148 17.25 -14.48 3.93
N ARG A 149 16.93 -13.22 4.25
CA ARG A 149 17.08 -12.11 3.33
C ARG A 149 17.58 -10.90 4.10
N SER A 150 18.40 -10.08 3.44
CA SER A 150 18.96 -8.90 4.07
C SER A 150 18.17 -7.64 3.71
N LEU A 151 18.30 -6.65 4.58
CA LEU A 151 17.68 -5.35 4.36
C LEU A 151 18.19 -4.70 3.08
N ALA A 152 17.29 -4.41 2.16
CA ALA A 152 17.62 -3.60 0.99
C ALA A 152 17.08 -2.19 1.19
N SER A 153 17.69 -1.24 0.50
CA SER A 153 17.35 0.17 0.66
C SER A 153 15.97 0.54 0.13
N TRP A 154 15.32 -0.33 -0.66
CA TRP A 154 14.07 0.10 -1.30
C TRP A 154 12.94 0.27 -0.30
N ILE A 155 12.97 -0.44 0.84
CA ILE A 155 11.80 -0.36 1.73
C ILE A 155 11.80 0.96 2.49
N GLN A 156 12.98 1.46 2.90
CA GLN A 156 13.05 2.81 3.47
C GLN A 156 12.59 3.85 2.46
N ASN A 157 12.96 3.68 1.18
CA ASN A 157 12.50 4.60 0.15
C ASN A 157 10.98 4.52 -0.02
N GLU A 158 10.40 3.31 0.02
CA GLU A 158 8.94 3.17 0.01
C GLU A 158 8.33 3.95 1.15
N PHE A 159 8.88 3.78 2.35
CA PHE A 159 8.33 4.48 3.51
C PHE A 159 8.45 5.99 3.33
N ASN A 160 9.59 6.45 2.83
CA ASN A 160 9.74 7.88 2.56
C ASN A 160 8.66 8.37 1.61
N LYS A 161 8.42 7.62 0.53
CA LYS A 161 7.41 8.00 -0.45
C LYS A 161 6.02 8.00 0.16
N ALA A 162 5.75 7.09 1.09
CA ALA A 162 4.44 6.99 1.73
C ALA A 162 4.14 8.23 2.58
N CYS A 163 5.17 8.91 3.10
CA CYS A 163 4.98 10.11 3.92
C CYS A 163 4.77 11.38 3.10
N GLU A 164 4.97 11.34 1.78
CA GLU A 164 4.91 12.59 1.03
C GLU A 164 3.47 13.01 0.79
N LEU A 165 3.31 14.29 0.43
CA LEU A 165 2.04 14.81 -0.04
C LEU A 165 1.90 14.56 -1.54
N THR A 166 0.67 14.31 -1.98
CA THR A 166 0.37 14.26 -3.40
C THR A 166 -0.43 15.49 -3.80
N ASP A 167 -0.58 15.70 -5.11
CA ASP A 167 -1.34 16.85 -5.58
C ASP A 167 -2.86 16.63 -5.52
N SER A 168 -3.35 15.55 -4.91
CA SER A 168 -4.77 15.23 -4.91
C SER A 168 -5.24 14.79 -3.53
N SER A 169 -6.53 14.96 -3.27
CA SER A 169 -7.10 14.53 -2.01
CA SER A 169 -7.13 14.54 -2.01
C SER A 169 -7.78 13.17 -2.16
N TRP A 170 -7.55 12.31 -1.18
CA TRP A 170 -8.01 10.93 -1.26
C TRP A 170 -9.16 10.61 -0.33
N ILE A 171 -9.52 11.52 0.58
CA ILE A 171 -10.64 11.27 1.48
C ILE A 171 -11.49 12.53 1.54
N GLU A 172 -12.73 12.34 1.98
CA GLU A 172 -13.64 13.44 2.23
C GLU A 172 -13.35 14.06 3.59
N LEU A 173 -13.96 15.23 3.84
CA LEU A 173 -13.69 15.96 5.06
C LEU A 173 -14.16 15.20 6.31
N ASP A 174 -15.21 14.38 6.19
CA ASP A 174 -15.71 13.64 7.33
C ASP A 174 -15.40 12.15 7.23
N GLU A 175 -14.27 11.82 6.59
CA GLU A 175 -13.95 10.42 6.36
C GLU A 175 -13.63 9.69 7.65
N ILE A 176 -13.06 10.38 8.62
CA ILE A 176 -12.44 9.75 9.78
C ILE A 176 -13.46 9.66 10.91
N GLY A 177 -13.50 8.52 11.57
CA GLY A 177 -14.45 8.29 12.64
C GLY A 177 -15.74 7.66 12.15
N GLU A 178 -16.47 7.08 13.08
CA GLU A 178 -17.76 6.45 12.80
C GLU A 178 -18.74 6.74 13.92
N ASP A 179 -18.65 7.93 14.50
CA ASP A 179 -19.48 8.29 15.64
C ASP A 179 -20.95 8.25 15.26
N ALA A 180 -21.79 7.88 16.24
CA ALA A 180 -23.23 7.88 16.04
C ALA A 180 -23.83 9.24 16.32
N ALA A 181 -23.32 9.93 17.34
CA ALA A 181 -23.78 11.22 17.83
C ALA A 181 -22.88 12.34 17.32
N PRO A 182 -23.33 13.60 17.36
CA PRO A 182 -22.45 14.72 16.99
C PRO A 182 -21.26 14.84 17.92
N ILE A 183 -20.11 15.16 17.36
CA ILE A 183 -18.88 15.18 18.15
C ILE A 183 -18.69 16.56 18.79
N GLU A 184 -18.00 16.54 19.94
CA GLU A 184 -17.69 17.75 20.66
C GLU A 184 -16.79 18.66 19.83
N HIS A 185 -16.74 19.93 20.22
CA HIS A 185 -16.05 20.96 19.44
C HIS A 185 -14.56 20.68 19.32
N ILE A 186 -13.92 20.25 20.42
CA ILE A 186 -12.49 19.98 20.37
C ILE A 186 -12.20 18.76 19.51
N ALA A 187 -12.95 17.66 19.74
CA ALA A 187 -12.77 16.47 18.91
C ALA A 187 -12.88 16.82 17.43
N SER A 188 -13.86 17.65 17.08
CA SER A 188 -14.03 18.05 15.68
C SER A 188 -12.86 18.88 15.18
N MET A 189 -12.36 19.80 16.02
CA MET A 189 -11.19 20.61 15.65
C MET A 189 -9.98 19.73 15.38
N ARG A 190 -9.71 18.80 16.29
CA ARG A 190 -8.58 17.90 16.08
C ARG A 190 -8.75 17.14 14.77
N ARG A 191 -9.97 16.68 14.48
CA ARG A 191 -10.19 15.91 13.26
C ARG A 191 -9.96 16.76 12.01
N ASN A 192 -10.48 17.99 12.01
CA ASN A 192 -10.30 18.88 10.86
C ASN A 192 -8.82 19.17 10.62
N TYR A 193 -8.10 19.61 11.66
CA TYR A 193 -6.66 19.82 11.53
C TYR A 193 -5.97 18.57 10.96
N PHE A 194 -6.19 17.42 11.61
CA PHE A 194 -5.50 16.21 11.18
C PHE A 194 -5.85 15.87 9.74
N THR A 195 -7.14 15.93 9.40
CA THR A 195 -7.57 15.62 8.05
C THR A 195 -6.88 16.52 7.03
N ALA A 196 -6.79 17.81 7.32
CA ALA A 196 -6.13 18.72 6.37
C ALA A 196 -4.69 18.32 6.15
N GLU A 197 -4.06 17.67 7.13
CA GLU A 197 -2.67 17.28 7.00
C GLU A 197 -2.48 15.94 6.27
N VAL A 198 -3.46 15.04 6.28
CA VAL A 198 -3.26 13.72 5.70
C VAL A 198 -4.13 13.44 4.47
N SER A 199 -5.09 14.31 4.14
CA SER A 199 -6.00 13.99 3.05
C SER A 199 -5.27 13.81 1.72
N HIS A 200 -4.16 14.50 1.53
CA HIS A 200 -3.38 14.42 0.29
C HIS A 200 -2.20 13.47 0.40
N CYS A 201 -1.99 12.86 1.57
CA CYS A 201 -0.82 12.03 1.80
C CYS A 201 -0.88 10.75 0.96
N ARG A 202 0.29 10.35 0.44
CA ARG A 202 0.40 9.14 -0.35
C ARG A 202 -0.10 7.92 0.42
N ALA A 203 0.22 7.85 1.71
CA ALA A 203 -0.27 6.75 2.54
C ALA A 203 -1.80 6.68 2.52
N THR A 204 -2.46 7.83 2.40
CA THR A 204 -3.92 7.85 2.29
C THR A 204 -4.37 7.28 0.96
N GLU A 205 -3.65 7.57 -0.12
CA GLU A 205 -3.92 6.89 -1.39
C GLU A 205 -3.80 5.38 -1.23
N TYR A 206 -2.76 4.92 -0.53
CA TYR A 206 -2.59 3.49 -0.32
C TYR A 206 -3.78 2.90 0.45
N ILE A 207 -4.28 3.63 1.45
CA ILE A 207 -5.47 3.19 2.18
C ILE A 207 -6.66 3.00 1.24
N MET A 208 -7.02 4.03 0.48
CA MET A 208 -8.24 3.95 -0.33
C MET A 208 -8.07 2.97 -1.49
N LYS A 209 -6.88 2.92 -2.07
CA LYS A 209 -6.56 1.88 -3.04
C LYS A 209 -6.77 0.51 -2.43
N GLY A 210 -6.20 0.29 -1.23
CA GLY A 210 -6.37 -0.99 -0.56
C GLY A 210 -7.81 -1.28 -0.18
N VAL A 211 -8.53 -0.28 0.31
CA VAL A 211 -9.94 -0.49 0.62
C VAL A 211 -10.69 -0.91 -0.63
N TYR A 212 -10.46 -0.21 -1.75
CA TYR A 212 -11.23 -0.48 -2.95
C TYR A 212 -10.98 -1.91 -3.47
N ILE A 213 -9.73 -2.33 -3.53
CA ILE A 213 -9.44 -3.59 -4.21
C ILE A 213 -9.80 -4.78 -3.32
N ASN A 214 -9.70 -4.63 -2.00
CA ASN A 214 -10.13 -5.70 -1.11
C ASN A 214 -11.66 -5.84 -1.10
N THR A 215 -12.38 -4.70 -1.14
CA THR A 215 -13.82 -4.74 -1.24
C THR A 215 -14.24 -5.45 -2.51
N ALA A 216 -13.61 -5.07 -3.62
CA ALA A 216 -14.02 -5.62 -4.91
C ALA A 216 -13.70 -7.10 -4.99
N LEU A 217 -12.53 -7.52 -4.48
CA LEU A 217 -12.19 -8.94 -4.51
C LEU A 217 -13.04 -9.74 -3.53
N LEU A 218 -13.27 -9.22 -2.31
CA LEU A 218 -14.13 -9.95 -1.36
C LEU A 218 -15.53 -10.08 -1.92
N ASN A 219 -16.04 -9.03 -2.56
CA ASN A 219 -17.36 -9.12 -3.16
C ASN A 219 -17.37 -10.16 -4.27
N ALA A 220 -16.38 -10.12 -5.17
CA ALA A 220 -16.36 -11.06 -6.30
C ALA A 220 -16.19 -12.50 -5.83
N SER A 221 -15.46 -12.71 -4.73
CA SER A 221 -15.24 -14.06 -4.24
C SER A 221 -16.55 -14.71 -3.84
N CYS A 222 -17.51 -13.87 -3.50
CA CYS A 222 -18.84 -14.23 -3.08
C CYS A 222 -19.83 -14.19 -4.24
N ALA A 223 -19.81 -13.13 -5.05
CA ALA A 223 -20.78 -12.97 -6.12
C ALA A 223 -20.40 -13.69 -7.42
N ALA A 224 -19.19 -14.21 -7.55
CA ALA A 224 -18.81 -14.95 -8.75
C ALA A 224 -17.84 -16.07 -8.37
N MET A 225 -18.32 -16.96 -7.50
CA MET A 225 -17.45 -17.97 -6.88
C MET A 225 -16.66 -18.77 -7.91
N ASP A 226 -17.28 -19.15 -9.03
CA ASP A 226 -16.64 -20.06 -9.97
C ASP A 226 -16.00 -19.36 -11.17
N ASP A 227 -16.07 -18.03 -11.24
CA ASP A 227 -15.58 -17.32 -12.42
C ASP A 227 -14.17 -16.77 -12.22
N PHE A 228 -13.39 -16.76 -13.29
CA PHE A 228 -12.13 -16.01 -13.34
C PHE A 228 -12.47 -14.56 -13.66
N GLN A 229 -12.98 -13.84 -12.66
CA GLN A 229 -13.52 -12.52 -12.92
C GLN A 229 -12.40 -11.50 -13.05
N LEU A 230 -12.51 -10.66 -14.08
CA LEU A 230 -11.58 -9.55 -14.30
C LEU A 230 -11.95 -8.37 -13.40
N ILE A 231 -11.03 -7.95 -12.53
CA ILE A 231 -11.34 -6.95 -11.52
C ILE A 231 -10.42 -5.74 -11.65
N PRO A 232 -10.92 -4.60 -12.14
CA PRO A 232 -10.08 -3.39 -12.21
C PRO A 232 -9.62 -2.93 -10.84
N MET A 233 -8.37 -2.46 -10.79
CA MET A 233 -7.82 -1.80 -9.61
C MET A 233 -8.04 -0.30 -9.77
N ILE A 234 -9.00 0.24 -9.02
CA ILE A 234 -9.43 1.62 -9.20
C ILE A 234 -9.21 2.42 -7.92
N SER A 235 -9.01 3.73 -8.08
CA SER A 235 -9.15 4.68 -6.99
C SER A 235 -9.80 5.95 -7.51
N LYS A 236 -10.30 6.75 -6.57
CA LYS A 236 -10.94 8.00 -6.86
C LYS A 236 -10.29 9.10 -6.03
N CYS A 237 -10.11 10.28 -6.63
CA CYS A 237 -9.48 11.38 -5.93
C CYS A 237 -10.02 12.67 -6.50
N ARG A 238 -9.68 13.78 -5.83
CA ARG A 238 -10.13 15.11 -6.22
C ARG A 238 -8.90 16.01 -6.34
N THR A 239 -8.75 16.65 -7.50
CA THR A 239 -7.59 17.51 -7.75
C THR A 239 -7.65 18.73 -6.85
N LYS A 240 -6.52 19.43 -6.78
CA LYS A 240 -6.45 20.68 -6.05
C LYS A 240 -7.54 21.65 -6.50
N GLU A 241 -7.94 21.58 -7.77
CA GLU A 241 -8.95 22.47 -8.32
C GLU A 241 -10.38 21.96 -8.10
N GLY A 242 -10.56 20.84 -7.41
CA GLY A 242 -11.88 20.34 -7.10
C GLY A 242 -12.44 19.33 -8.08
N ARG A 243 -11.69 18.94 -9.10
CA ARG A 243 -12.19 17.99 -10.09
C ARG A 243 -12.06 16.56 -9.59
N ARG A 244 -13.15 15.83 -9.63
CA ARG A 244 -13.12 14.41 -9.31
C ARG A 244 -12.45 13.65 -10.46
N LYS A 245 -11.54 12.74 -10.11
CA LYS A 245 -10.84 11.93 -11.09
CA LYS A 245 -10.84 11.93 -11.09
C LYS A 245 -10.93 10.46 -10.70
N THR A 246 -10.98 9.58 -11.72
CA THR A 246 -11.01 8.14 -11.53
C THR A 246 -9.72 7.55 -12.08
N ASN A 247 -9.07 6.69 -11.29
CA ASN A 247 -7.75 6.19 -11.60
C ASN A 247 -7.79 4.69 -11.81
N LEU A 248 -7.03 4.21 -12.80
CA LEU A 248 -6.86 2.78 -13.03
C LEU A 248 -5.37 2.45 -12.84
N TYR A 249 -5.08 1.54 -11.89
CA TYR A 249 -3.73 1.06 -11.62
C TYR A 249 -3.35 -0.18 -12.43
N GLY A 250 -4.33 -0.91 -12.93
CA GLY A 250 -4.17 -2.21 -13.54
C GLY A 250 -5.37 -3.08 -13.23
N PHE A 251 -5.15 -4.38 -13.18
CA PHE A 251 -6.24 -5.32 -13.03
C PHE A 251 -5.78 -6.48 -12.17
N ILE A 252 -6.74 -7.15 -11.54
CA ILE A 252 -6.49 -8.49 -11.05
C ILE A 252 -7.51 -9.43 -11.66
N ILE A 253 -7.14 -10.70 -11.72
CA ILE A 253 -8.04 -11.76 -12.12
C ILE A 253 -8.07 -12.75 -10.97
N LYS A 254 -9.26 -13.03 -10.44
CA LYS A 254 -9.36 -13.97 -9.34
C LYS A 254 -9.53 -15.39 -9.85
N GLY A 255 -9.09 -16.35 -9.06
CA GLY A 255 -9.41 -17.75 -9.28
C GLY A 255 -10.74 -18.12 -8.64
N ARG A 256 -10.98 -19.43 -8.58
CA ARG A 256 -12.15 -19.94 -7.88
C ARG A 256 -12.06 -19.62 -6.39
N SER A 257 -13.20 -19.31 -5.80
CA SER A 257 -13.22 -18.76 -4.46
C SER A 257 -14.41 -19.34 -3.71
N HIS A 258 -14.34 -20.62 -3.38
CA HIS A 258 -15.30 -21.21 -2.42
C HIS A 258 -14.66 -21.07 -1.05
N LEU A 259 -14.95 -19.97 -0.40
CA LEU A 259 -14.30 -19.61 0.86
C LEU A 259 -15.24 -20.01 2.00
N ARG A 260 -15.07 -21.25 2.47
CA ARG A 260 -15.94 -21.77 3.52
C ARG A 260 -15.69 -21.07 4.85
N ASN A 261 -14.42 -20.74 5.15
CA ASN A 261 -14.03 -20.13 6.42
C ASN A 261 -13.10 -18.96 6.14
N ASP A 262 -12.70 -18.27 7.22
CA ASP A 262 -11.97 -17.01 7.09
C ASP A 262 -10.54 -17.18 6.59
N THR A 263 -9.94 -18.35 6.76
CA THR A 263 -8.56 -18.58 6.35
C THR A 263 -8.42 -19.21 4.97
N ASP A 264 -9.52 -19.64 4.34
CA ASP A 264 -9.44 -20.15 2.99
C ASP A 264 -8.88 -19.09 2.05
N VAL A 265 -8.05 -19.52 1.10
CA VAL A 265 -7.30 -18.62 0.23
C VAL A 265 -7.97 -18.59 -1.14
N VAL A 266 -8.18 -17.39 -1.67
CA VAL A 266 -8.51 -17.21 -3.08
C VAL A 266 -7.25 -16.71 -3.77
N ASN A 267 -6.88 -17.38 -4.85
CA ASN A 267 -5.72 -16.97 -5.64
C ASN A 267 -6.10 -15.86 -6.60
N PHE A 268 -5.13 -15.02 -6.93
CA PHE A 268 -5.36 -14.06 -8.01
C PHE A 268 -4.07 -13.77 -8.75
N VAL A 269 -4.22 -13.22 -9.95
CA VAL A 269 -3.12 -12.72 -10.75
C VAL A 269 -3.26 -11.22 -10.83
N SER A 270 -2.23 -10.48 -10.43
CA SER A 270 -2.25 -9.03 -10.53
C SER A 270 -1.41 -8.58 -11.70
N MET A 271 -1.87 -7.52 -12.35
CA MET A 271 -1.22 -6.91 -13.52
C MET A 271 -1.27 -5.40 -13.33
N GLU A 272 -0.11 -4.77 -13.07
CA GLU A 272 -0.08 -3.39 -12.59
C GLU A 272 0.85 -2.52 -13.44
N PHE A 273 0.32 -1.40 -13.92
CA PHE A 273 1.12 -0.45 -14.67
C PHE A 273 2.23 0.13 -13.80
N SER A 274 3.35 0.46 -14.44
CA SER A 274 4.44 1.14 -13.75
C SER A 274 5.33 1.79 -14.79
N LEU A 275 6.02 2.85 -14.37
CA LEU A 275 7.15 3.38 -15.13
C LEU A 275 8.49 2.91 -14.58
N THR A 276 8.50 2.19 -13.46
CA THR A 276 9.76 1.69 -12.90
C THR A 276 10.33 0.60 -13.80
N ASP A 277 11.54 0.81 -14.27
CA ASP A 277 12.24 -0.24 -15.00
C ASP A 277 12.70 -1.29 -14.00
N PRO A 278 12.22 -2.53 -14.09
CA PRO A 278 12.56 -3.52 -13.06
C PRO A 278 14.02 -3.93 -13.07
N ARG A 279 14.77 -3.66 -14.14
CA ARG A 279 16.16 -4.06 -14.22
C ARG A 279 17.08 -3.20 -13.35
N LEU A 280 16.60 -2.08 -12.81
CA LEU A 280 17.44 -1.27 -11.93
C LEU A 280 17.59 -1.88 -10.55
N GLU A 281 16.57 -2.60 -10.07
CA GLU A 281 16.59 -3.23 -8.74
C GLU A 281 15.96 -4.62 -8.84
N PRO A 282 16.56 -5.53 -9.61
CA PRO A 282 15.85 -6.79 -9.90
C PRO A 282 15.54 -7.59 -8.66
N HIS A 283 16.36 -7.48 -7.60
CA HIS A 283 16.08 -8.19 -6.36
C HIS A 283 14.74 -7.76 -5.75
N LYS A 284 14.31 -6.53 -5.98
CA LYS A 284 13.02 -6.13 -5.46
C LYS A 284 11.88 -6.92 -6.11
N TRP A 285 12.09 -7.39 -7.34
CA TRP A 285 11.01 -7.92 -8.15
C TRP A 285 11.09 -9.44 -8.32
N GLU A 286 11.63 -10.12 -7.31
CA GLU A 286 11.82 -11.56 -7.36
C GLU A 286 10.51 -12.31 -7.62
N LYS A 287 9.39 -11.81 -7.10
CA LYS A 287 8.12 -12.51 -7.23
C LYS A 287 7.37 -12.19 -8.52
N TYR A 288 7.91 -11.34 -9.39
CA TYR A 288 7.15 -10.82 -10.52
C TYR A 288 7.74 -11.27 -11.85
N CYS A 289 6.87 -11.36 -12.84
CA CYS A 289 7.24 -11.29 -14.25
C CYS A 289 6.92 -9.89 -14.71
N VAL A 290 7.87 -9.22 -15.35
CA VAL A 290 7.63 -7.83 -15.73
C VAL A 290 7.64 -7.70 -17.25
N LEU A 291 6.59 -7.10 -17.79
CA LEU A 291 6.42 -6.87 -19.21
C LEU A 291 6.63 -5.42 -19.55
N GLU A 292 7.12 -5.17 -20.76
CA GLU A 292 7.07 -3.84 -21.36
C GLU A 292 5.87 -3.82 -22.30
N VAL A 293 4.95 -2.88 -22.09
CA VAL A 293 3.67 -2.99 -22.78
C VAL A 293 3.31 -1.72 -23.55
N GLY A 294 4.10 -0.66 -23.36
CA GLY A 294 3.83 0.55 -24.10
C GLY A 294 4.94 1.58 -23.96
N ASP A 295 4.67 2.77 -24.48
CA ASP A 295 5.51 3.96 -24.33
C ASP A 295 4.63 5.17 -24.07
N MET A 296 5.01 5.97 -23.08
CA MET A 296 4.18 7.07 -22.63
C MET A 296 4.92 8.39 -22.74
N LEU A 297 4.22 9.41 -23.21
CA LEU A 297 4.77 10.76 -23.34
C LEU A 297 4.54 11.51 -22.03
N LEU A 298 5.61 12.08 -21.46
CA LEU A 298 5.57 12.67 -20.13
C LEU A 298 6.14 14.08 -20.11
N ARG A 299 5.55 14.94 -19.27
CA ARG A 299 6.18 16.20 -18.89
C ARG A 299 7.17 15.92 -17.77
N SER A 300 8.34 16.55 -17.82
CA SER A 300 9.34 16.29 -16.80
C SER A 300 10.22 17.51 -16.61
N ALA A 301 11.06 17.45 -15.57
CA ALA A 301 11.99 18.53 -15.30
C ALA A 301 12.96 18.77 -16.44
N ILE A 302 13.10 17.83 -17.37
CA ILE A 302 14.00 18.00 -18.50
C ILE A 302 13.21 18.25 -19.79
N GLY A 303 11.95 18.65 -19.68
CA GLY A 303 11.08 18.75 -20.84
C GLY A 303 10.31 17.46 -21.09
N HIS A 304 9.61 17.45 -22.22
CA HIS A 304 8.80 16.30 -22.60
C HIS A 304 9.70 15.12 -23.00
N VAL A 305 9.40 13.94 -22.46
CA VAL A 305 10.18 12.74 -22.72
C VAL A 305 9.26 11.55 -22.98
N SER A 306 9.78 10.58 -23.73
CA SER A 306 9.11 9.32 -23.97
C SER A 306 9.73 8.25 -23.08
N ARG A 307 8.90 7.60 -22.27
CA ARG A 307 9.36 6.59 -21.36
C ARG A 307 8.61 5.28 -21.59
N PRO A 308 9.29 4.15 -21.47
CA PRO A 308 8.60 2.86 -21.58
C PRO A 308 7.65 2.65 -20.40
N MET A 309 6.55 1.96 -20.68
CA MET A 309 5.57 1.64 -19.66
C MET A 309 5.61 0.14 -19.41
N PHE A 310 5.64 -0.25 -18.15
CA PHE A 310 5.80 -1.63 -17.78
C PHE A 310 4.51 -2.15 -17.15
N LEU A 311 4.41 -3.48 -17.10
CA LEU A 311 3.32 -4.18 -16.45
C LEU A 311 3.92 -5.22 -15.53
N TYR A 312 3.72 -5.03 -14.22
CA TYR A 312 4.24 -5.92 -13.19
C TYR A 312 3.19 -7.00 -12.93
N VAL A 313 3.58 -8.25 -13.15
CA VAL A 313 2.64 -9.37 -13.11
C VAL A 313 3.10 -10.35 -12.06
N ARG A 314 2.19 -10.76 -11.18
CA ARG A 314 2.52 -11.83 -10.27
C ARG A 314 1.25 -12.57 -9.89
N THR A 315 1.46 -13.80 -9.46
CA THR A 315 0.45 -14.61 -8.80
C THR A 315 0.51 -14.32 -7.31
N ASN A 316 -0.65 -14.37 -6.66
CA ASN A 316 -0.71 -14.00 -5.27
C ASN A 316 -1.93 -14.70 -4.68
N GLY A 317 -2.14 -14.52 -3.38
CA GLY A 317 -3.32 -15.04 -2.73
C GLY A 317 -3.64 -14.19 -1.51
N THR A 318 -4.90 -14.26 -1.10
CA THR A 318 -5.34 -13.63 0.13
C THR A 318 -6.54 -14.42 0.64
N SER A 319 -6.98 -14.08 1.83
CA SER A 319 -8.06 -14.83 2.47
C SER A 319 -9.17 -13.88 2.86
N LYS A 320 -10.29 -14.46 3.28
CA LYS A 320 -11.41 -13.68 3.79
C LYS A 320 -10.97 -12.73 4.88
N ILE A 321 -10.28 -13.25 5.91
CA ILE A 321 -9.95 -12.41 7.05
C ILE A 321 -8.99 -11.29 6.64
N LYS A 322 -8.04 -11.56 5.75
CA LYS A 322 -7.16 -10.50 5.28
C LYS A 322 -7.92 -9.48 4.45
N MET A 323 -8.91 -9.94 3.69
CA MET A 323 -9.68 -9.01 2.88
C MET A 323 -10.55 -8.12 3.76
N LYS A 324 -11.10 -8.68 4.84
CA LYS A 324 -11.87 -7.88 5.81
C LYS A 324 -11.00 -6.83 6.48
N TRP A 325 -9.76 -7.19 6.84
CA TRP A 325 -8.85 -6.17 7.36
C TRP A 325 -8.51 -5.15 6.28
N GLY A 326 -8.29 -5.61 5.04
CA GLY A 326 -8.05 -4.69 3.95
C GLY A 326 -9.15 -3.66 3.80
N MET A 327 -10.41 -4.10 3.98
CA MET A 327 -11.54 -3.18 3.90
C MET A 327 -11.59 -2.20 5.06
N GLU A 328 -10.89 -2.47 6.15
CA GLU A 328 -10.89 -1.58 7.31
C GLU A 328 -9.67 -0.63 7.36
N MET A 329 -8.93 -0.47 6.26
CA MET A 329 -7.70 0.32 6.34
C MET A 329 -7.94 1.79 6.66
N ARG A 330 -9.16 2.31 6.52
CA ARG A 330 -9.41 3.69 6.98
C ARG A 330 -9.17 3.83 8.47
N ARG A 331 -9.25 2.74 9.23
CA ARG A 331 -8.91 2.80 10.63
C ARG A 331 -7.46 3.21 10.85
N CYS A 332 -6.61 3.11 9.84
CA CYS A 332 -5.25 3.64 9.98
C CYS A 332 -5.30 5.14 10.21
N LEU A 333 -6.23 5.83 9.55
CA LEU A 333 -6.39 7.25 9.80
C LEU A 333 -6.81 7.50 11.25
N LEU A 334 -7.75 6.69 11.74
CA LEU A 334 -8.22 6.86 13.11
C LEU A 334 -7.11 6.56 14.12
N GLN A 335 -6.34 5.50 13.90
CA GLN A 335 -5.31 5.15 14.87
C GLN A 335 -4.24 6.23 14.98
N SER A 336 -3.78 6.77 13.85
CA SER A 336 -2.74 7.77 13.91
C SER A 336 -3.26 9.10 14.45
N LEU A 337 -4.52 9.44 14.16
CA LEU A 337 -5.16 10.57 14.81
C LEU A 337 -5.12 10.42 16.33
N GLN A 338 -5.39 9.21 16.83
CA GLN A 338 -5.43 8.99 18.27
C GLN A 338 -4.05 9.07 18.89
N GLN A 339 -3.02 8.66 18.16
CA GLN A 339 -1.66 8.89 18.62
C GLN A 339 -1.35 10.38 18.70
N ILE A 340 -1.76 11.14 17.67
CA ILE A 340 -1.60 12.58 17.70
C ILE A 340 -2.34 13.16 18.90
N GLU A 341 -3.55 12.65 19.18
CA GLU A 341 -4.31 13.26 20.26
C GLU A 341 -3.74 12.98 21.64
N SER A 342 -2.55 12.39 21.76
CA SER A 342 -2.28 11.63 22.98
C SER A 342 -1.54 12.35 24.11
N MET A 343 -0.38 13.00 23.94
CA MET A 343 0.27 13.81 22.87
C MET A 343 -0.31 15.25 22.92
N ILE A 344 -1.44 15.53 22.27
CA ILE A 344 -2.08 16.83 22.53
C ILE A 344 -2.58 16.89 23.97
N GLU A 345 -3.11 15.78 24.48
CA GLU A 345 -3.57 15.74 25.86
C GLU A 345 -2.41 15.98 26.83
N ALA A 346 -1.28 15.33 26.59
CA ALA A 346 -0.12 15.49 27.46
C ALA A 346 0.24 16.96 27.62
N GLU A 347 0.27 17.69 26.50
CA GLU A 347 0.52 19.12 26.57
C GLU A 347 -0.62 19.85 27.27
N SER A 348 -1.86 19.40 27.05
CA SER A 348 -3.00 20.09 27.64
C SER A 348 -3.05 19.90 29.14
N SER A 349 -2.69 18.71 29.62
CA SER A 349 -2.73 18.45 31.05
C SER A 349 -1.71 19.30 31.78
N VAL A 350 -0.55 19.55 31.17
CA VAL A 350 0.50 20.31 31.81
C VAL A 350 0.17 21.80 31.84
N LYS A 351 -0.38 22.33 30.74
CA LYS A 351 -0.72 23.74 30.66
C LYS A 351 -2.09 24.05 31.25
N GLU A 352 -2.84 23.04 31.68
CA GLU A 352 -4.18 23.22 32.29
C GLU A 352 -5.13 23.95 31.34
N LYS A 353 -4.95 23.74 30.04
CA LYS A 353 -5.69 24.39 28.98
C LYS A 353 -5.65 23.47 27.78
N ASP A 354 -6.68 23.52 26.92
CA ASP A 354 -6.65 22.70 25.72
C ASP A 354 -5.63 23.27 24.74
N MET A 355 -4.79 22.39 24.20
CA MET A 355 -3.64 22.81 23.39
C MET A 355 -3.75 22.37 21.93
N THR A 356 -4.98 22.15 21.45
CA THR A 356 -5.17 21.66 20.09
C THR A 356 -4.66 22.66 19.07
N LYS A 357 -5.15 23.90 19.14
CA LYS A 357 -4.75 24.92 18.17
C LYS A 357 -3.25 25.15 18.23
N GLU A 358 -2.73 25.32 19.45
CA GLU A 358 -1.31 25.56 19.65
C GLU A 358 -0.47 24.41 19.12
N PHE A 359 -0.95 23.17 19.29
CA PHE A 359 -0.23 22.02 18.77
C PHE A 359 -0.24 22.03 17.24
N PHE A 360 -1.43 22.10 16.63
CA PHE A 360 -1.49 21.92 15.19
C PHE A 360 -0.94 23.12 14.43
N GLU A 361 -1.12 24.33 14.95
CA GLU A 361 -0.60 25.52 14.28
C GLU A 361 0.84 25.83 14.67
N ASN A 362 1.40 25.10 15.64
CA ASN A 362 2.81 25.20 16.00
C ASN A 362 3.14 26.62 16.48
N LYS A 363 2.34 27.12 17.41
CA LYS A 363 2.38 28.52 17.83
C LYS A 363 3.42 28.75 18.92
N GLU A 371 9.53 25.22 29.64
CA GLU A 371 9.18 23.79 29.74
C GLU A 371 8.21 23.34 28.67
N SER A 372 8.09 24.11 27.59
CA SER A 372 7.24 23.76 26.46
C SER A 372 8.08 23.47 25.23
N PRO A 373 7.57 22.67 24.29
CA PRO A 373 8.38 22.32 23.11
C PRO A 373 8.73 23.52 22.26
N LYS A 374 9.96 23.52 21.75
CA LYS A 374 10.51 24.62 20.96
C LYS A 374 10.59 24.29 19.47
N GLY A 375 10.01 23.17 19.06
CA GLY A 375 10.15 22.76 17.68
C GLY A 375 9.52 21.40 17.47
N VAL A 376 9.64 20.94 16.23
CA VAL A 376 9.12 19.63 15.83
C VAL A 376 10.24 18.92 15.09
N GLU A 377 10.59 17.72 15.58
CA GLU A 377 11.80 17.04 15.09
C GLU A 377 11.72 16.75 13.61
N GLU A 378 10.55 16.39 13.11
CA GLU A 378 10.37 16.14 11.69
C GLU A 378 10.27 17.42 10.86
N GLY A 379 10.24 18.59 11.49
CA GLY A 379 10.19 19.85 10.77
C GLY A 379 8.80 20.47 10.65
N SER A 380 7.74 19.68 10.72
CA SER A 380 6.40 20.25 10.73
C SER A 380 5.45 19.30 11.45
N ILE A 381 4.37 19.86 11.98
CA ILE A 381 3.31 19.04 12.56
C ILE A 381 2.69 18.15 11.49
N GLY A 382 2.56 18.69 10.27
CA GLY A 382 2.07 17.89 9.17
C GLY A 382 2.90 16.65 8.95
N LYS A 383 4.23 16.80 9.00
CA LYS A 383 5.10 15.65 8.76
C LYS A 383 4.98 14.63 9.89
N VAL A 384 4.74 15.07 11.12
CA VAL A 384 4.52 14.10 12.19
C VAL A 384 3.26 13.29 11.92
N CYS A 385 2.17 13.97 11.54
CA CYS A 385 0.92 13.27 11.23
C CYS A 385 1.11 12.27 10.11
N ARG A 386 1.79 12.69 9.03
CA ARG A 386 1.96 11.81 7.89
C ARG A 386 2.93 10.68 8.20
N THR A 387 3.88 10.90 9.11
CA THR A 387 4.80 9.84 9.50
C THR A 387 4.08 8.77 10.32
N LEU A 388 3.27 9.20 11.30
CA LEU A 388 2.47 8.26 12.07
C LEU A 388 1.49 7.51 11.18
N LEU A 389 0.87 8.19 10.23
CA LEU A 389 -0.08 7.51 9.35
C LEU A 389 0.61 6.46 8.51
N ALA A 390 1.78 6.80 7.95
CA ALA A 390 2.51 5.87 7.09
C ALA A 390 2.95 4.64 7.87
N LYS A 391 3.36 4.80 9.13
CA LYS A 391 3.71 3.63 9.92
C LYS A 391 2.49 2.72 10.10
N SER A 392 1.34 3.32 10.40
CA SER A 392 0.14 2.53 10.59
C SER A 392 -0.27 1.84 9.29
N VAL A 393 -0.15 2.54 8.17
CA VAL A 393 -0.52 1.97 6.88
C VAL A 393 0.43 0.86 6.48
N PHE A 394 1.74 1.04 6.73
CA PHE A 394 2.67 -0.03 6.38
C PHE A 394 2.51 -1.23 7.31
N ASN A 395 2.14 -1.01 8.58
CA ASN A 395 1.82 -2.14 9.45
C ASN A 395 0.70 -2.98 8.84
N SER A 396 -0.27 -2.32 8.21
CA SER A 396 -1.37 -3.05 7.59
C SER A 396 -0.96 -3.65 6.24
N LEU A 397 -0.28 -2.87 5.39
CA LEU A 397 0.14 -3.40 4.10
C LEU A 397 1.11 -4.58 4.26
N TYR A 398 1.92 -4.58 5.33
CA TYR A 398 2.92 -5.61 5.53
C TYR A 398 2.68 -6.41 6.81
N ALA A 399 1.42 -6.55 7.22
CA ALA A 399 1.09 -7.38 8.37
C ALA A 399 1.75 -8.75 8.26
N SER A 400 2.15 -9.30 9.39
CA SER A 400 2.78 -10.61 9.43
C SER A 400 2.93 -11.02 10.89
N PRO A 401 3.06 -12.32 11.16
CA PRO A 401 3.41 -12.74 12.52
C PRO A 401 4.79 -12.27 12.94
N GLN A 402 5.74 -12.18 12.01
CA GLN A 402 7.05 -11.65 12.37
C GLN A 402 6.94 -10.20 12.86
N LEU A 403 6.02 -9.42 12.28
CA LEU A 403 5.83 -8.04 12.73
C LEU A 403 5.21 -8.01 14.13
N GLU A 404 4.27 -8.92 14.39
CA GLU A 404 3.62 -8.93 15.70
C GLU A 404 4.59 -9.27 16.81
N GLY A 405 5.41 -10.31 16.62
CA GLY A 405 6.38 -10.67 17.63
C GLY A 405 7.44 -9.60 17.80
N PHE A 406 7.92 -9.04 16.69
CA PHE A 406 8.93 -8.00 16.77
C PHE A 406 8.41 -6.80 17.54
N SER A 407 7.17 -6.40 17.27
CA SER A 407 6.60 -5.23 17.94
C SER A 407 6.47 -5.47 19.44
N ALA A 408 5.95 -6.65 19.81
CA ALA A 408 5.77 -6.95 21.23
C ALA A 408 7.12 -7.13 21.93
N GLU A 409 8.06 -7.81 21.30
CA GLU A 409 9.31 -8.12 21.98
C GLU A 409 10.25 -6.93 22.00
N SER A 410 10.37 -6.21 20.87
CA SER A 410 11.24 -5.04 20.86
C SER A 410 10.74 -3.97 21.81
N ARG A 411 9.44 -3.95 22.10
CA ARG A 411 8.88 -3.01 23.07
C ARG A 411 9.48 -3.25 24.45
N LYS A 412 9.63 -4.51 24.86
CA LYS A 412 10.18 -4.82 26.18
C LYS A 412 11.63 -4.37 26.29
N LEU A 413 12.42 -4.64 25.25
CA LEU A 413 13.82 -4.20 25.26
C LEU A 413 13.94 -2.69 25.30
N LEU A 414 13.00 -1.98 24.68
CA LEU A 414 13.07 -0.52 24.63
C LEU A 414 12.88 0.07 26.02
N LEU A 415 11.83 -0.34 26.73
CA LEU A 415 11.61 0.17 28.08
C LEU A 415 12.80 -0.13 28.98
N ILE A 416 13.37 -1.32 28.84
CA ILE A 416 14.53 -1.71 29.65
C ILE A 416 15.72 -0.80 29.37
N VAL A 417 16.02 -0.58 28.08
CA VAL A 417 17.18 0.24 27.72
C VAL A 417 16.95 1.69 28.13
N GLN A 418 15.71 2.18 28.00
CA GLN A 418 15.41 3.53 28.46
C GLN A 418 15.68 3.69 29.94
N ALA A 419 15.12 2.79 30.76
CA ALA A 419 15.32 2.86 32.20
C ALA A 419 16.80 2.76 32.56
N LEU A 420 17.56 1.97 31.80
CA LEU A 420 18.98 1.86 32.06
C LEU A 420 19.70 3.15 31.69
N ARG A 421 19.37 3.70 30.51
CA ARG A 421 19.99 4.95 30.08
C ARG A 421 19.66 6.08 31.05
N ASP A 422 18.40 6.15 31.49
CA ASP A 422 17.98 7.23 32.37
C ASP A 422 18.71 7.19 33.72
N ASN A 423 19.03 5.99 34.23
CA ASN A 423 19.49 5.86 35.61
C ASN A 423 20.90 5.29 35.75
N LEU A 424 21.68 5.26 34.68
CA LEU A 424 23.08 4.88 34.76
C LEU A 424 23.92 5.88 33.97
N GLU A 425 25.20 5.97 34.32
CA GLU A 425 26.12 6.91 33.68
C GLU A 425 26.35 6.54 32.21
N PHE A 429 15.96 -13.02 34.75
CA PHE A 429 16.45 -11.67 34.55
C PHE A 429 17.82 -11.67 33.88
N ASP A 430 17.78 -11.56 32.54
CA ASP A 430 18.95 -11.37 31.68
C ASP A 430 18.43 -11.12 30.26
N LEU A 431 19.23 -10.47 29.42
CA LEU A 431 18.69 -10.00 28.14
C LEU A 431 18.79 -11.00 27.01
N GLY A 432 19.61 -12.05 27.16
CA GLY A 432 19.79 -13.00 26.07
C GLY A 432 18.50 -13.61 25.58
N GLY A 433 17.58 -13.91 26.50
CA GLY A 433 16.32 -14.52 26.10
C GLY A 433 15.45 -13.58 25.30
N LEU A 434 15.48 -12.29 25.62
CA LEU A 434 14.66 -11.32 24.90
C LEU A 434 15.26 -10.99 23.53
N TYR A 435 16.61 -10.94 23.44
CA TYR A 435 17.26 -10.71 22.16
C TYR A 435 16.97 -11.84 21.18
N GLU A 436 17.01 -13.09 21.65
CA GLU A 436 16.64 -14.21 20.79
C GLU A 436 15.18 -14.11 20.36
N ALA A 437 14.31 -13.64 21.26
CA ALA A 437 12.90 -13.47 20.92
C ALA A 437 12.74 -12.45 19.81
N ILE A 438 13.51 -11.35 19.87
CA ILE A 438 13.44 -10.34 18.82
C ILE A 438 14.08 -10.87 17.54
N GLU A 439 15.31 -11.37 17.64
CA GLU A 439 16.05 -11.75 16.45
C GLU A 439 15.45 -12.96 15.74
N GLU A 440 14.62 -13.76 16.42
CA GLU A 440 13.93 -14.86 15.75
C GLU A 440 12.86 -14.37 14.79
N CYS A 441 12.46 -13.10 14.89
CA CYS A 441 11.52 -12.49 13.96
C CYS A 441 12.20 -11.84 12.76
N LEU A 442 13.52 -11.76 12.75
CA LEU A 442 14.25 -11.04 11.71
C LEU A 442 14.74 -12.05 10.68
N ILE A 443 13.82 -12.44 9.78
CA ILE A 443 14.07 -13.50 8.81
C ILE A 443 14.24 -12.95 7.40
N ASN A 444 13.18 -12.36 6.84
CA ASN A 444 13.25 -11.89 5.45
C ASN A 444 12.24 -10.80 5.13
N ASP A 445 11.41 -10.41 6.10
CA ASP A 445 10.32 -9.48 5.83
C ASP A 445 10.85 -8.06 5.73
N PRO A 446 10.66 -7.37 4.60
CA PRO A 446 11.27 -6.03 4.44
C PRO A 446 10.84 -5.02 5.50
N TRP A 447 9.58 -5.04 5.92
CA TRP A 447 9.11 -4.02 6.86
C TRP A 447 9.64 -4.29 8.26
N VAL A 448 9.70 -5.56 8.67
CA VAL A 448 10.28 -5.93 9.96
C VAL A 448 11.76 -5.56 10.00
N LEU A 449 12.49 -5.85 8.92
CA LEU A 449 13.92 -5.55 8.91
C LEU A 449 14.17 -4.05 8.98
N LEU A 450 13.35 -3.26 8.28
CA LEU A 450 13.50 -1.80 8.37
C LEU A 450 13.25 -1.33 9.80
N ASN A 451 12.24 -1.88 10.46
CA ASN A 451 11.95 -1.48 11.84
C ASN A 451 13.06 -1.93 12.79
N ALA A 452 13.70 -3.06 12.50
CA ALA A 452 14.88 -3.45 13.28
C ALA A 452 16.02 -2.46 13.06
N SER A 453 16.24 -2.05 11.82
CA SER A 453 17.26 -1.05 11.53
C SER A 453 16.95 0.24 12.27
N TRP A 454 15.70 0.71 12.21
CA TRP A 454 15.30 1.88 12.99
C TRP A 454 15.56 1.66 14.47
N PHE A 455 15.21 0.49 14.97
CA PHE A 455 15.40 0.23 16.39
C PHE A 455 16.87 0.36 16.76
N ASN A 456 17.78 -0.05 15.86
CA ASN A 456 19.21 -0.01 16.17
C ASN A 456 19.74 1.41 16.24
N SER A 457 19.24 2.32 15.40
CA SER A 457 19.60 3.73 15.55
C SER A 457 19.20 4.24 16.94
N PHE A 458 18.00 3.88 17.40
CA PHE A 458 17.56 4.27 18.73
C PHE A 458 18.52 3.75 19.80
N LEU A 459 19.02 2.53 19.64
CA LEU A 459 19.99 2.00 20.59
C LEU A 459 21.29 2.80 20.58
N THR A 460 21.69 3.29 19.41
CA THR A 460 22.95 4.02 19.28
C THR A 460 22.87 5.40 19.94
N HIS A 461 21.73 6.08 19.81
CA HIS A 461 21.58 7.41 20.39
C HIS A 461 20.24 7.55 21.08
#